data_5CLS
#
_entry.id   5CLS
#
_cell.length_a   89.620
_cell.length_b   101.180
_cell.length_c   100.280
_cell.angle_alpha   90.00
_cell.angle_beta   90.00
_cell.angle_gamma   90.00
#
_symmetry.space_group_name_H-M   'C 2 2 21'
#
loop_
_entity.id
_entity.type
_entity.pdbx_description
1 polymer 'Methionine aminopeptidase 2'
2 non-polymer 'COBALT (II) ION'
3 non-polymer 'DIMETHYL SULFOXIDE'
4 non-polymer GLYCEROL
5 non-polymer '(4R,7R)-7-hydroxy-1-(4-methoxybenzyl)-7-methyl-4,5,6,7-tetrahydro-1H-benzotriazol-4-yl propan-2-ylcarbamate'
6 non-polymer 'CITRIC ACID'
7 non-polymer 'CHLORIDE ION'
8 water water
#
_entity_poly.entity_id   1
_entity_poly.type   'polypeptide(L)'
_entity_poly.pdbx_seq_one_letter_code
;GPKVQTDPPSVPICDLYPNGVFPKGQECEYPPTQDGRTAAWRTTSEEKKALDQASEEIWNDFREAAEAHRQVRKYVMSWI
KPGMTMIEICEKLEDCSRKLIKENGLNAGLAFPTGCSLNNCAAHYTPNAGDTTVLQYDDICKIDFGTHISGRIIDCAFTV
TFNPKYDTLLKAVKDATNTGIKCAGIDVRLCDVGEAIQEVMESYEVEIDGKTYQVKPIRNLNGHSIGQYRIHAGKTVPIV
KGGEATRMEEGEVYAIETFGSTGKGVVHDDMECSHYMKNFDVGHVPIRLPRTKHLLNVINENFGTLAFCRRWLDRLGESK
YLMALKNLCDLGIVDPYPPLCDIKGSYTAQFEHTILLRPTCKEVVSRGDDY
;
_entity_poly.pdbx_strand_id   A
#
# COMPACT_ATOMS: atom_id res chain seq x y z
N LYS A 3 -0.70 -24.80 14.13
CA LYS A 3 -2.18 -24.86 14.28
C LYS A 3 -2.76 -23.63 14.99
N VAL A 4 -2.07 -23.04 15.97
CA VAL A 4 -2.39 -21.64 16.37
C VAL A 4 -1.15 -20.75 16.14
N GLN A 5 -1.37 -19.46 16.03
CA GLN A 5 -0.25 -18.51 15.76
C GLN A 5 0.61 -18.30 16.99
N THR A 6 1.92 -18.20 16.84
CA THR A 6 2.79 -18.04 17.98
C THR A 6 2.87 -16.55 18.27
N ASP A 7 3.46 -16.24 19.42
CA ASP A 7 3.79 -14.86 19.78
C ASP A 7 5.24 -14.81 20.24
N PRO A 8 6.12 -14.14 19.48
CA PRO A 8 5.88 -13.36 18.26
C PRO A 8 5.43 -14.28 17.12
N PRO A 9 4.70 -13.75 16.12
CA PRO A 9 4.19 -14.64 15.04
C PRO A 9 5.31 -15.24 14.25
N SER A 10 5.22 -16.54 14.02
CA SER A 10 6.13 -17.29 13.13
C SER A 10 5.46 -18.38 12.25
N VAL A 11 4.18 -18.67 12.47
CA VAL A 11 3.52 -19.75 11.70
C VAL A 11 2.92 -19.18 10.40
N PRO A 12 3.30 -19.73 9.23
CA PRO A 12 2.74 -19.25 7.98
C PRO A 12 1.24 -19.25 8.01
N ILE A 13 0.65 -18.28 7.32
CA ILE A 13 -0.78 -18.21 7.27
C ILE A 13 -1.35 -19.57 6.62
N CYS A 14 -0.66 -20.05 5.61
CA CYS A 14 -1.11 -21.32 4.97
C CYS A 14 -1.22 -22.49 5.96
N ASP A 15 -0.38 -22.52 7.02
CA ASP A 15 -0.50 -23.58 8.05
C ASP A 15 -1.60 -23.39 9.08
N LEU A 16 -2.14 -22.20 9.18
CA LEU A 16 -3.24 -21.95 10.08
C LEU A 16 -4.56 -22.26 9.44
N TYR A 17 -4.62 -22.42 8.13
CA TYR A 17 -5.84 -22.71 7.43
C TYR A 17 -5.56 -23.94 6.56
N PRO A 18 -5.49 -25.10 7.20
CA PRO A 18 -5.03 -26.31 6.52
C PRO A 18 -5.80 -26.74 5.22
N ASN A 19 -7.11 -26.46 5.14
CA ASN A 19 -7.94 -26.73 3.96
CA ASN A 19 -7.86 -26.81 3.93
C ASN A 19 -7.73 -25.75 2.82
N GLY A 20 -6.99 -24.66 3.08
CA GLY A 20 -6.66 -23.71 2.06
C GLY A 20 -7.67 -22.63 1.76
N VAL A 21 -8.66 -22.46 2.63
CA VAL A 21 -9.69 -21.44 2.43
C VAL A 21 -9.44 -20.34 3.42
N PHE A 22 -8.98 -19.19 2.92
CA PHE A 22 -8.64 -18.07 3.79
C PHE A 22 -9.79 -17.09 4.14
N PRO A 23 -9.70 -16.44 5.32
CA PRO A 23 -10.92 -15.75 5.74
C PRO A 23 -11.24 -14.57 4.83
N LYS A 24 -12.53 -14.31 4.62
CA LYS A 24 -12.93 -13.17 3.83
C LYS A 24 -12.68 -11.92 4.61
N GLY A 25 -12.54 -10.82 3.88
CA GLY A 25 -12.44 -9.49 4.51
C GLY A 25 -13.85 -8.95 4.81
N GLN A 26 -14.01 -7.65 5.00
CA GLN A 26 -15.33 -7.09 5.24
C GLN A 26 -16.10 -7.06 3.97
N GLU A 27 -17.29 -7.73 3.94
CA GLU A 27 -18.13 -7.70 2.74
C GLU A 27 -19.21 -6.65 2.84
N CYS A 28 -19.43 -5.93 1.75
CA CYS A 28 -20.31 -4.79 1.71
C CYS A 28 -21.21 -4.81 0.48
N GLU A 29 -22.49 -4.45 0.67
CA GLU A 29 -23.36 -4.16 -0.48
C GLU A 29 -22.87 -2.96 -1.24
N TYR A 30 -22.93 -2.95 -2.56
CA TYR A 30 -22.51 -1.73 -3.26
C TYR A 30 -23.43 -0.52 -2.98
N PRO A 31 -22.92 0.71 -3.18
CA PRO A 31 -23.82 1.84 -2.99
C PRO A 31 -24.95 1.83 -4.03
N PRO A 32 -26.09 2.46 -3.69
CA PRO A 32 -27.19 2.59 -4.64
C PRO A 32 -26.76 3.43 -5.85
N THR A 33 -27.35 3.18 -7.02
CA THR A 33 -27.07 4.04 -8.19
C THR A 33 -27.63 5.45 -7.97
N GLN A 34 -27.01 6.40 -8.67
CA GLN A 34 -27.11 7.83 -8.34
C GLN A 34 -28.50 8.44 -8.58
N ASP A 35 -29.30 7.77 -9.40
CA ASP A 35 -30.74 8.04 -9.52
C ASP A 35 -31.48 7.58 -8.25
N GLY A 36 -31.05 6.44 -7.70
CA GLY A 36 -31.62 5.91 -6.45
C GLY A 36 -31.82 4.39 -6.31
N ARG A 37 -31.64 3.60 -7.38
CA ARG A 37 -31.88 2.14 -7.32
C ARG A 37 -30.87 1.39 -6.40
N THR A 38 -31.30 0.24 -5.87
CA THR A 38 -30.50 -0.62 -4.97
C THR A 38 -29.60 -1.58 -5.78
N ALA A 39 -28.48 -2.05 -5.17
CA ALA A 39 -27.64 -3.11 -5.78
C ALA A 39 -27.53 -4.44 -4.94
N ALA A 40 -28.48 -4.66 -4.04
CA ALA A 40 -28.59 -5.92 -3.28
C ALA A 40 -28.85 -7.17 -4.17
N TRP A 41 -29.43 -6.99 -5.34
CA TRP A 41 -29.67 -8.10 -6.27
C TRP A 41 -28.41 -8.86 -6.66
N ARG A 42 -27.27 -8.16 -6.68
CA ARG A 42 -26.01 -8.78 -7.03
CA ARG A 42 -26.00 -8.77 -7.01
C ARG A 42 -25.72 -9.89 -6.02
N THR A 43 -26.12 -9.67 -4.76
CA THR A 43 -25.75 -10.62 -3.74
C THR A 43 -26.45 -11.96 -3.89
N THR A 44 -27.68 -11.98 -4.43
CA THR A 44 -28.40 -13.22 -4.61
C THR A 44 -28.46 -13.74 -6.05
N SER A 45 -27.80 -13.08 -6.99
CA SER A 45 -27.88 -13.48 -8.42
C SER A 45 -27.04 -14.76 -8.64
N GLU A 46 -27.59 -15.67 -9.43
CA GLU A 46 -26.90 -16.89 -9.83
C GLU A 46 -25.79 -16.64 -10.81
N GLU A 47 -26.08 -15.67 -11.71
CA GLU A 47 -25.12 -15.22 -12.72
C GLU A 47 -23.88 -14.54 -12.09
N LYS A 48 -24.14 -13.73 -11.07
CA LYS A 48 -23.05 -13.11 -10.32
C LYS A 48 -22.33 -14.08 -9.39
N LYS A 49 -23.09 -14.95 -8.73
CA LYS A 49 -22.49 -15.98 -7.87
C LYS A 49 -21.59 -16.94 -8.70
N ALA A 50 -22.09 -17.40 -9.86
CA ALA A 50 -21.24 -18.16 -10.78
C ALA A 50 -19.95 -17.43 -11.05
N LEU A 51 -20.06 -16.19 -11.54
CA LEU A 51 -18.84 -15.44 -11.96
C LEU A 51 -17.84 -15.37 -10.81
N ASP A 52 -18.37 -15.10 -9.63
CA ASP A 52 -17.60 -14.87 -8.43
C ASP A 52 -16.87 -16.14 -8.09
N GLN A 53 -17.58 -17.26 -8.16
CA GLN A 53 -16.96 -18.57 -7.97
C GLN A 53 -15.85 -18.86 -9.00
N ALA A 54 -15.98 -18.34 -10.23
CA ALA A 54 -15.01 -18.65 -11.26
C ALA A 54 -13.72 -17.96 -10.97
N SER A 55 -13.75 -16.91 -10.14
CA SER A 55 -12.55 -16.28 -9.66
C SER A 55 -12.15 -16.57 -8.20
N GLU A 56 -12.72 -17.61 -7.59
CA GLU A 56 -12.54 -17.90 -6.18
C GLU A 56 -11.09 -18.07 -5.82
N GLU A 57 -10.33 -18.85 -6.58
CA GLU A 57 -8.92 -19.05 -6.24
C GLU A 57 -8.11 -17.72 -6.16
N ILE A 58 -8.45 -16.76 -7.02
CA ILE A 58 -7.89 -15.44 -7.01
C ILE A 58 -8.26 -14.71 -5.71
N TRP A 59 -9.54 -14.74 -5.32
CA TRP A 59 -9.94 -13.91 -4.20
C TRP A 59 -9.28 -14.55 -2.97
N ASN A 60 -9.15 -15.88 -3.05
CA ASN A 60 -8.55 -16.67 -1.96
C ASN A 60 -7.04 -16.33 -1.77
N ASP A 61 -6.36 -16.05 -2.86
CA ASP A 61 -4.93 -15.63 -2.83
C ASP A 61 -4.82 -14.25 -2.16
N PHE A 62 -5.67 -13.32 -2.58
CA PHE A 62 -5.72 -12.03 -1.85
C PHE A 62 -5.98 -12.15 -0.39
N ARG A 63 -6.93 -12.99 0.01
CA ARG A 63 -7.24 -13.18 1.43
C ARG A 63 -6.11 -13.77 2.23
N GLU A 64 -5.36 -14.73 1.64
CA GLU A 64 -4.18 -15.23 2.34
C GLU A 64 -3.19 -14.07 2.57
N ALA A 65 -2.93 -13.31 1.51
CA ALA A 65 -1.97 -12.15 1.61
C ALA A 65 -2.49 -11.16 2.67
N ALA A 66 -3.79 -10.94 2.72
CA ALA A 66 -4.41 -9.98 3.63
C ALA A 66 -4.31 -10.40 5.08
N GLU A 67 -4.41 -11.68 5.33
CA GLU A 67 -4.28 -12.25 6.67
C GLU A 67 -2.87 -12.14 7.17
N ALA A 68 -1.89 -12.38 6.29
CA ALA A 68 -0.48 -12.14 6.63
C ALA A 68 -0.34 -10.63 6.99
N HIS A 69 -0.91 -9.72 6.21
CA HIS A 69 -0.76 -8.26 6.43
C HIS A 69 -1.37 -7.89 7.81
N ARG A 70 -2.61 -8.36 8.12
CA ARG A 70 -3.19 -8.14 9.47
C ARG A 70 -2.32 -8.65 10.60
N GLN A 71 -1.76 -9.83 10.49
CA GLN A 71 -0.96 -10.39 11.62
C GLN A 71 0.41 -9.63 11.77
N VAL A 72 1.00 -9.28 10.64
CA VAL A 72 2.30 -8.58 10.67
C VAL A 72 2.03 -7.21 11.32
N ARG A 73 1.01 -6.47 10.88
CA ARG A 73 0.84 -5.07 11.36
C ARG A 73 0.46 -5.02 12.84
N LYS A 74 -0.31 -6.04 13.30
CA LYS A 74 -0.63 -6.14 14.73
C LYS A 74 0.64 -6.37 15.58
N TYR A 75 1.57 -7.17 15.08
CA TYR A 75 2.83 -7.43 15.75
C TYR A 75 3.70 -6.08 15.77
N VAL A 76 3.71 -5.39 14.61
CA VAL A 76 4.54 -4.16 14.50
C VAL A 76 4.00 -3.14 15.52
N MET A 77 2.68 -2.97 15.61
CA MET A 77 2.09 -1.96 16.54
CA MET A 77 2.07 -1.99 16.57
C MET A 77 2.47 -2.27 18.00
N SER A 78 2.75 -3.53 18.29
CA SER A 78 3.10 -3.93 19.65
C SER A 78 4.50 -3.50 20.09
N TRP A 79 5.42 -3.35 19.15
CA TRP A 79 6.82 -3.07 19.54
C TRP A 79 7.39 -1.81 18.93
N ILE A 80 6.74 -1.22 17.91
CA ILE A 80 7.38 -0.01 17.29
C ILE A 80 7.42 1.14 18.32
N LYS A 81 8.60 1.68 18.53
CA LYS A 81 8.84 2.71 19.59
C LYS A 81 9.91 3.67 19.16
N PRO A 82 9.79 4.95 19.65
CA PRO A 82 10.95 5.81 19.39
C PRO A 82 12.21 5.25 19.98
N GLY A 83 13.38 5.55 19.38
CA GLY A 83 14.66 5.01 19.78
C GLY A 83 15.13 3.90 18.90
N MET A 84 14.21 3.23 18.22
CA MET A 84 14.57 2.20 17.22
C MET A 84 15.05 2.94 15.98
N THR A 85 16.05 2.37 15.32
CA THR A 85 16.40 2.88 14.00
C THR A 85 15.36 2.49 12.95
N MET A 86 15.30 3.28 11.91
CA MET A 86 14.42 2.93 10.81
C MET A 86 14.81 1.54 10.21
N ILE A 87 16.11 1.29 10.09
CA ILE A 87 16.55 -0.04 9.54
C ILE A 87 16.05 -1.11 10.44
N GLU A 88 16.19 -0.94 11.76
CA GLU A 88 15.70 -2.03 12.66
C GLU A 88 14.22 -2.29 12.57
N ILE A 89 13.45 -1.22 12.51
CA ILE A 89 11.99 -1.37 12.33
C ILE A 89 11.71 -2.18 11.02
N CYS A 90 12.29 -1.78 9.90
CA CYS A 90 11.95 -2.39 8.59
C CYS A 90 12.41 -3.86 8.55
N GLU A 91 13.56 -4.15 9.18
CA GLU A 91 14.05 -5.54 9.14
C GLU A 91 13.17 -6.43 9.99
N LYS A 92 12.77 -5.94 11.18
CA LYS A 92 11.89 -6.67 12.07
C LYS A 92 10.52 -6.96 11.40
N LEU A 93 9.94 -5.92 10.74
CA LEU A 93 8.69 -6.09 10.02
C LEU A 93 8.85 -7.12 8.88
N GLU A 94 9.91 -6.93 8.08
CA GLU A 94 10.07 -7.76 6.88
C GLU A 94 10.39 -9.20 7.23
N ASP A 95 11.19 -9.42 8.27
CA ASP A 95 11.45 -10.82 8.72
C ASP A 95 10.12 -11.54 9.02
N CYS A 96 9.17 -10.85 9.64
CA CYS A 96 7.93 -11.44 10.08
C CYS A 96 7.08 -11.68 8.87
N SER A 97 7.05 -10.70 8.01
CA SER A 97 6.27 -10.82 6.76
C SER A 97 6.71 -12.04 5.90
N ARG A 98 8.03 -12.21 5.73
CA ARG A 98 8.59 -13.33 4.97
CA ARG A 98 8.56 -13.33 4.96
C ARG A 98 8.10 -14.65 5.55
N LYS A 99 8.11 -14.75 6.87
CA LYS A 99 7.67 -16.00 7.55
C LYS A 99 6.17 -16.31 7.36
N LEU A 100 5.34 -15.29 7.53
CA LEU A 100 3.85 -15.44 7.56
C LEU A 100 3.34 -15.67 6.15
N ILE A 101 4.02 -15.02 5.18
CA ILE A 101 3.60 -15.20 3.81
C ILE A 101 4.18 -16.52 3.21
N LYS A 102 5.09 -17.17 3.93
CA LYS A 102 5.90 -18.29 3.46
C LYS A 102 6.54 -18.00 2.13
N GLU A 103 7.47 -17.05 2.15
CA GLU A 103 8.08 -16.56 0.95
C GLU A 103 8.65 -17.72 0.14
N ASN A 104 8.34 -17.75 -1.14
CA ASN A 104 8.74 -18.78 -2.11
C ASN A 104 8.90 -18.12 -3.46
N GLY A 105 10.02 -17.45 -3.71
CA GLY A 105 10.32 -16.87 -5.03
C GLY A 105 9.26 -15.89 -5.39
N LEU A 106 8.83 -15.97 -6.64
CA LEU A 106 7.77 -15.12 -7.14
C LEU A 106 6.40 -15.68 -6.83
N ASN A 107 6.34 -16.84 -6.21
CA ASN A 107 5.00 -17.43 -5.88
C ASN A 107 4.33 -16.86 -4.63
N ALA A 108 5.11 -16.34 -3.67
CA ALA A 108 4.58 -15.72 -2.46
C ALA A 108 5.70 -14.86 -1.92
N GLY A 109 5.40 -13.73 -1.33
CA GLY A 109 6.50 -12.87 -0.89
C GLY A 109 6.04 -11.47 -0.54
N LEU A 110 7.02 -10.62 -0.56
CA LEU A 110 6.85 -9.20 -0.25
C LEU A 110 6.65 -8.46 -1.53
N ALA A 111 5.57 -7.67 -1.62
CA ALA A 111 5.16 -7.05 -2.87
C ALA A 111 5.96 -5.80 -3.18
N PHE A 112 6.39 -5.13 -2.11
CA PHE A 112 7.14 -3.84 -2.23
C PHE A 112 7.82 -3.51 -0.93
N PRO A 113 8.87 -2.65 -0.96
CA PRO A 113 9.60 -2.37 0.28
C PRO A 113 8.75 -1.68 1.35
N THR A 114 9.19 -1.83 2.60
CA THR A 114 8.47 -1.20 3.72
C THR A 114 8.63 0.32 3.75
N GLY A 115 7.62 1.07 3.35
CA GLY A 115 7.59 2.54 3.55
C GLY A 115 7.57 2.75 5.05
N CYS A 116 8.30 3.76 5.50
CA CYS A 116 8.21 4.21 6.86
C CYS A 116 8.48 5.71 6.86
N SER A 117 7.94 6.35 5.84
CA SER A 117 8.06 7.81 5.65
C SER A 117 7.67 8.71 6.85
N LEU A 118 8.57 9.67 7.18
CA LEU A 118 8.45 10.53 8.36
C LEU A 118 8.05 11.97 8.08
N ASN A 119 7.08 12.43 8.87
CA ASN A 119 6.82 13.87 9.05
C ASN A 119 6.33 14.46 7.78
N ASN A 120 7.06 15.38 7.12
CA ASN A 120 6.58 15.92 5.87
C ASN A 120 6.72 14.94 4.71
N CYS A 121 7.53 13.90 4.88
CA CYS A 121 7.61 12.88 3.84
CA CYS A 121 7.67 12.79 3.90
C CYS A 121 6.44 11.88 4.05
N ALA A 122 5.75 11.68 2.91
CA ALA A 122 4.52 10.94 2.83
C ALA A 122 4.67 9.53 2.31
N ALA A 123 5.62 9.32 1.43
CA ALA A 123 5.74 7.98 0.74
C ALA A 123 7.07 7.78 0.09
N HIS A 124 7.41 6.51 -0.07
CA HIS A 124 8.58 6.01 -0.78
C HIS A 124 9.92 6.21 -0.04
N TYR A 125 9.88 6.42 1.28
CA TYR A 125 11.06 6.30 2.09
C TYR A 125 11.18 4.98 2.77
N THR A 126 12.29 4.26 2.47
CA THR A 126 12.76 3.20 3.29
C THR A 126 14.26 3.43 3.47
N PRO A 127 14.84 3.06 4.61
CA PRO A 127 16.25 3.32 4.60
C PRO A 127 17.13 2.44 3.67
N ASN A 128 18.22 3.01 3.16
CA ASN A 128 19.29 2.26 2.50
C ASN A 128 20.35 1.92 3.58
N ALA A 129 21.28 1.04 3.25
CA ALA A 129 22.36 0.70 4.17
C ALA A 129 23.05 1.97 4.64
N GLY A 130 23.41 1.93 5.90
CA GLY A 130 24.16 3.00 6.54
C GLY A 130 23.26 4.12 7.05
N ASP A 131 21.94 4.07 6.78
CA ASP A 131 21.02 5.13 7.21
C ASP A 131 20.94 5.09 8.75
N THR A 132 21.31 6.20 9.43
CA THR A 132 21.36 6.20 10.91
C THR A 132 20.08 6.80 11.50
N THR A 133 19.08 7.11 10.69
CA THR A 133 17.83 7.67 11.18
C THR A 133 17.21 6.87 12.26
N VAL A 134 16.84 7.55 13.34
CA VAL A 134 16.14 6.94 14.53
C VAL A 134 14.78 7.53 14.65
N LEU A 135 13.76 6.71 14.90
CA LEU A 135 12.38 7.16 15.10
C LEU A 135 12.24 7.96 16.42
N GLN A 136 11.67 9.18 16.36
CA GLN A 136 11.55 10.02 17.52
C GLN A 136 10.12 10.11 18.04
N TYR A 137 9.95 10.64 19.26
CA TYR A 137 8.66 10.71 19.93
C TYR A 137 7.68 11.57 19.19
N ASP A 138 8.15 12.70 18.58
CA ASP A 138 7.28 13.56 17.78
C ASP A 138 7.12 13.20 16.34
N ASP A 139 7.71 12.09 15.93
CA ASP A 139 7.56 11.71 14.54
C ASP A 139 6.15 11.14 14.18
N ILE A 140 5.73 11.43 12.95
CA ILE A 140 4.51 10.84 12.39
C ILE A 140 4.98 9.96 11.20
N CYS A 141 4.81 8.65 11.39
CA CYS A 141 5.47 7.61 10.53
C CYS A 141 4.46 6.77 9.73
N LYS A 142 4.48 6.81 8.41
CA LYS A 142 3.57 6.04 7.55
C LYS A 142 4.16 4.69 7.26
N ILE A 143 3.55 3.64 7.87
CA ILE A 143 3.96 2.27 7.62
C ILE A 143 3.13 1.79 6.42
N ASP A 144 3.79 1.53 5.29
CA ASP A 144 3.13 1.11 4.04
C ASP A 144 3.88 -0.14 3.56
N PHE A 145 3.27 -1.32 3.72
CA PHE A 145 4.00 -2.54 3.31
C PHE A 145 3.01 -3.45 2.54
N GLY A 146 3.56 -4.34 1.68
CA GLY A 146 2.70 -5.10 0.81
C GLY A 146 3.13 -6.57 0.83
N THR A 147 2.12 -7.42 0.73
CA THR A 147 2.32 -8.86 0.65
C THR A 147 1.65 -9.38 -0.59
N HIS A 148 2.10 -10.49 -1.09
CA HIS A 148 1.41 -11.15 -2.21
C HIS A 148 1.48 -12.69 -2.24
N ILE A 149 0.47 -13.25 -2.88
CA ILE A 149 0.38 -14.69 -3.24
C ILE A 149 0.12 -14.67 -4.73
N SER A 150 1.00 -15.32 -5.49
CA SER A 150 0.86 -15.40 -6.93
C SER A 150 0.62 -14.06 -7.57
N GLY A 151 1.26 -13.00 -7.05
CA GLY A 151 1.20 -11.73 -7.71
C GLY A 151 -0.11 -10.98 -7.37
N ARG A 152 -0.90 -11.56 -6.45
CA ARG A 152 -2.12 -10.91 -5.93
C ARG A 152 -1.78 -10.10 -4.73
N ILE A 153 -1.74 -8.76 -4.93
CA ILE A 153 -1.12 -7.79 -4.05
C ILE A 153 -2.07 -7.14 -3.04
N ILE A 154 -1.68 -7.17 -1.76
CA ILE A 154 -2.29 -6.31 -0.71
C ILE A 154 -1.43 -5.13 -0.44
N ASP A 155 -2.01 -3.98 -0.76
CA ASP A 155 -1.50 -2.66 -0.47
C ASP A 155 -2.31 -2.03 0.64
N CYS A 156 -1.75 -1.96 1.85
CA CYS A 156 -2.44 -1.48 3.01
C CYS A 156 -1.45 -0.77 3.94
N ALA A 157 -1.91 0.32 4.53
CA ALA A 157 -1.05 1.31 5.19
C ALA A 157 -1.76 2.01 6.31
N PHE A 158 -0.98 2.34 7.36
CA PHE A 158 -1.48 3.04 8.49
C PHE A 158 -0.35 3.99 8.99
N THR A 159 -0.75 4.87 9.90
CA THR A 159 0.14 5.89 10.44
C THR A 159 0.39 5.65 11.92
N VAL A 160 1.66 5.69 12.35
CA VAL A 160 2.09 5.46 13.76
C VAL A 160 2.51 6.86 14.31
N THR A 161 2.02 7.14 15.51
CA THR A 161 2.48 8.31 16.25
C THR A 161 2.61 7.93 17.71
N PHE A 162 3.26 8.82 18.50
CA PHE A 162 3.37 8.66 19.95
C PHE A 162 2.91 9.86 20.73
N ASN A 163 2.80 10.99 20.06
CA ASN A 163 2.36 12.25 20.66
C ASN A 163 0.91 12.46 20.28
N PRO A 164 0.02 12.58 21.29
CA PRO A 164 -1.41 12.71 20.99
C PRO A 164 -1.78 13.97 20.19
N LYS A 165 -0.86 14.94 20.02
CA LYS A 165 -1.12 16.15 19.23
C LYS A 165 -1.57 15.82 17.79
N TYR A 166 -1.21 14.63 17.28
CA TYR A 166 -1.58 14.29 15.89
C TYR A 166 -2.93 13.54 15.80
N ASP A 167 -3.58 13.26 16.96
CA ASP A 167 -4.70 12.32 16.98
C ASP A 167 -5.81 12.78 16.01
N THR A 168 -6.16 14.06 16.01
CA THR A 168 -7.17 14.62 15.10
CA THR A 168 -7.20 14.52 15.10
C THR A 168 -6.81 14.51 13.63
N LEU A 169 -5.56 14.71 13.28
CA LEU A 169 -5.10 14.50 11.87
C LEU A 169 -5.28 13.02 11.41
N LEU A 170 -4.93 12.09 12.31
CA LEU A 170 -5.07 10.65 12.02
C LEU A 170 -6.59 10.33 11.80
N LYS A 171 -7.47 10.93 12.60
CA LYS A 171 -8.88 10.69 12.52
C LYS A 171 -9.43 11.21 11.20
N ALA A 172 -8.98 12.38 10.80
CA ALA A 172 -9.42 12.94 9.55
C ALA A 172 -9.17 12.00 8.36
N VAL A 173 -7.95 11.45 8.36
CA VAL A 173 -7.50 10.71 7.22
C VAL A 173 -8.15 9.35 7.17
N LYS A 174 -8.33 8.80 8.37
CA LYS A 174 -9.04 7.58 8.49
C LYS A 174 -10.47 7.71 8.01
N ASP A 175 -11.14 8.76 8.45
CA ASP A 175 -12.53 8.98 8.10
C ASP A 175 -12.62 9.15 6.59
N ALA A 176 -11.70 9.94 6.02
CA ALA A 176 -11.67 10.23 4.58
C ALA A 176 -11.47 8.94 3.77
N THR A 177 -10.57 8.10 4.24
CA THR A 177 -10.31 6.84 3.56
C THR A 177 -11.56 5.93 3.66
N ASN A 178 -12.20 5.89 4.82
CA ASN A 178 -13.37 5.02 4.97
C ASN A 178 -14.51 5.48 4.12
N THR A 179 -14.60 6.81 3.96
CA THR A 179 -15.64 7.40 3.16
C THR A 179 -15.36 7.11 1.65
N GLY A 180 -14.11 7.09 1.24
CA GLY A 180 -13.72 6.56 -0.12
C GLY A 180 -14.13 5.11 -0.37
N ILE A 181 -13.81 4.26 0.58
CA ILE A 181 -14.14 2.88 0.51
C ILE A 181 -15.67 2.74 0.33
N LYS A 182 -16.45 3.40 1.19
CA LYS A 182 -17.93 3.41 1.08
C LYS A 182 -18.44 3.84 -0.31
N CYS A 183 -17.89 4.90 -0.84
CA CYS A 183 -18.35 5.45 -2.09
C CYS A 183 -18.01 4.50 -3.23
N ALA A 184 -16.92 3.73 -3.09
CA ALA A 184 -16.46 2.92 -4.21
C ALA A 184 -17.42 1.78 -4.60
N GLY A 185 -17.44 1.50 -5.89
CA GLY A 185 -18.20 0.40 -6.39
C GLY A 185 -18.25 0.45 -7.88
N ILE A 186 -18.89 -0.56 -8.43
CA ILE A 186 -18.97 -0.73 -9.88
C ILE A 186 -19.80 0.39 -10.51
N ASP A 187 -19.30 0.87 -11.66
CA ASP A 187 -19.86 2.00 -12.37
C ASP A 187 -19.69 3.34 -11.63
N VAL A 188 -19.00 3.39 -10.49
CA VAL A 188 -18.86 4.66 -9.82
C VAL A 188 -17.76 5.42 -10.57
N ARG A 189 -17.93 6.74 -10.76
CA ARG A 189 -16.85 7.53 -11.39
C ARG A 189 -15.68 7.71 -10.42
N LEU A 190 -14.46 7.49 -10.90
CA LEU A 190 -13.28 7.68 -10.06
C LEU A 190 -13.29 9.07 -9.44
N CYS A 191 -13.71 10.09 -10.19
CA CYS A 191 -13.67 11.45 -9.67
C CYS A 191 -14.70 11.63 -8.58
N ASP A 192 -15.76 10.82 -8.58
CA ASP A 192 -16.77 10.87 -7.51
C ASP A 192 -16.21 10.37 -6.14
N VAL A 193 -15.39 9.33 -6.19
CA VAL A 193 -14.70 8.79 -4.98
C VAL A 193 -13.76 9.86 -4.41
N GLY A 194 -13.04 10.55 -5.30
CA GLY A 194 -12.17 11.66 -4.91
C GLY A 194 -12.88 12.81 -4.25
N GLU A 195 -14.02 13.20 -4.80
CA GLU A 195 -14.74 14.32 -4.26
C GLU A 195 -15.27 13.97 -2.84
N ALA A 196 -15.73 12.75 -2.65
CA ALA A 196 -16.24 12.37 -1.34
C ALA A 196 -15.09 12.47 -0.30
N ILE A 197 -13.95 11.86 -0.61
CA ILE A 197 -12.71 11.98 0.20
C ILE A 197 -12.37 13.40 0.53
N GLN A 198 -12.35 14.27 -0.47
CA GLN A 198 -12.01 15.66 -0.19
C GLN A 198 -12.94 16.37 0.78
N GLU A 199 -14.24 16.22 0.53
CA GLU A 199 -15.26 16.87 1.30
C GLU A 199 -15.07 16.52 2.81
N VAL A 200 -14.82 15.26 3.09
CA VAL A 200 -14.64 14.82 4.44
C VAL A 200 -13.36 15.37 5.02
N MET A 201 -12.31 15.25 4.24
CA MET A 201 -11.02 15.62 4.73
C MET A 201 -11.00 17.07 5.16
N GLU A 202 -11.60 17.95 4.40
CA GLU A 202 -11.60 19.33 4.70
C GLU A 202 -12.64 19.77 5.74
N SER A 203 -13.54 18.88 6.17
CA SER A 203 -14.44 19.17 7.27
C SER A 203 -13.64 19.23 8.61
N TYR A 204 -12.37 18.83 8.57
CA TYR A 204 -11.55 18.64 9.80
C TYR A 204 -10.58 19.80 9.95
N GLU A 205 -10.66 20.53 11.08
CA GLU A 205 -9.60 21.46 11.49
CA GLU A 205 -9.59 21.45 11.49
C GLU A 205 -8.82 20.81 12.63
N VAL A 206 -7.52 21.03 12.65
CA VAL A 206 -6.60 20.45 13.67
C VAL A 206 -5.68 21.49 14.23
N GLU A 207 -5.32 21.33 15.53
CA GLU A 207 -4.39 22.24 16.22
C GLU A 207 -3.16 21.39 16.61
N ILE A 208 -2.00 21.84 16.22
CA ILE A 208 -0.71 21.11 16.44
C ILE A 208 0.32 22.15 16.92
N ASP A 209 0.74 22.04 18.19
CA ASP A 209 1.67 23.03 18.77
C ASP A 209 1.25 24.47 18.58
N GLY A 210 -0.02 24.78 18.87
CA GLY A 210 -0.49 26.17 18.84
C GLY A 210 -0.78 26.80 17.50
N LYS A 211 -0.72 26.02 16.46
CA LYS A 211 -1.04 26.42 15.14
C LYS A 211 -2.23 25.58 14.66
N THR A 212 -3.13 26.24 13.91
CA THR A 212 -4.32 25.59 13.39
C THR A 212 -4.19 25.40 11.90
N TYR A 213 -4.78 24.35 11.42
CA TYR A 213 -4.76 23.97 10.00
C TYR A 213 -6.08 23.37 9.62
N GLN A 214 -6.50 23.56 8.37
CA GLN A 214 -7.51 22.71 7.74
C GLN A 214 -6.72 21.56 7.03
N VAL A 215 -7.12 20.32 7.24
CA VAL A 215 -6.44 19.15 6.64
C VAL A 215 -6.73 19.16 5.12
N LYS A 216 -5.66 19.12 4.32
CA LYS A 216 -5.69 18.94 2.86
C LYS A 216 -5.31 17.56 2.39
N PRO A 217 -6.12 16.98 1.50
CA PRO A 217 -5.66 15.85 0.75
C PRO A 217 -4.46 16.19 -0.13
N ILE A 218 -3.51 15.24 -0.20
CA ILE A 218 -2.33 15.43 -1.06
C ILE A 218 -2.80 15.09 -2.46
N ARG A 219 -2.83 16.15 -3.29
CA ARG A 219 -3.41 16.11 -4.64
C ARG A 219 -2.77 15.12 -5.58
N ASN A 220 -1.48 14.81 -5.41
CA ASN A 220 -0.75 13.89 -6.31
C ASN A 220 -0.26 12.60 -5.67
N LEU A 221 -1.00 12.17 -4.65
CA LEU A 221 -0.94 10.80 -4.25
C LEU A 221 -2.32 10.25 -4.40
N ASN A 222 -2.48 9.06 -4.96
CA ASN A 222 -3.78 8.61 -5.41
C ASN A 222 -3.94 7.12 -5.19
N GLY A 223 -5.17 6.70 -4.86
CA GLY A 223 -5.58 5.31 -4.93
C GLY A 223 -5.47 4.87 -6.39
N HIS A 224 -5.66 3.58 -6.66
CA HIS A 224 -5.26 3.00 -7.97
C HIS A 224 -5.73 1.58 -8.11
N SER A 225 -5.95 1.16 -9.34
CA SER A 225 -6.22 -0.25 -9.61
C SER A 225 -4.95 -1.00 -9.40
N ILE A 226 -5.13 -2.27 -9.09
CA ILE A 226 -4.08 -3.24 -8.91
C ILE A 226 -4.25 -4.34 -9.96
N GLY A 227 -3.14 -4.74 -10.60
CA GLY A 227 -3.10 -5.92 -11.46
C GLY A 227 -2.09 -6.97 -10.97
N GLN A 228 -2.10 -8.14 -11.62
CA GLN A 228 -1.23 -9.23 -11.22
C GLN A 228 0.23 -8.84 -11.40
N TYR A 229 0.99 -8.92 -10.30
CA TYR A 229 2.40 -8.42 -10.30
C TYR A 229 2.55 -6.94 -10.70
N ARG A 230 1.47 -6.15 -10.56
CA ARG A 230 1.43 -4.76 -10.98
C ARG A 230 0.77 -3.85 -9.95
N ILE A 231 1.60 -3.28 -9.07
CA ILE A 231 1.09 -2.49 -7.95
CA ILE A 231 1.07 -2.51 -7.94
C ILE A 231 0.14 -1.35 -8.37
N HIS A 232 0.50 -0.63 -9.41
CA HIS A 232 -0.26 0.49 -9.88
C HIS A 232 -0.62 0.20 -11.34
N ALA A 233 -1.84 -0.25 -11.56
CA ALA A 233 -2.23 -0.73 -12.87
C ALA A 233 -2.92 0.30 -13.77
N GLY A 234 -2.83 1.59 -13.49
CA GLY A 234 -3.25 2.57 -14.49
C GLY A 234 -4.58 3.29 -14.27
N LYS A 235 -5.58 2.66 -13.65
CA LYS A 235 -6.72 3.45 -13.14
C LYS A 235 -6.24 4.19 -11.89
N THR A 236 -6.35 5.54 -11.85
CA THR A 236 -5.96 6.29 -10.65
C THR A 236 -7.16 7.04 -10.08
N VAL A 237 -7.19 7.13 -8.76
CA VAL A 237 -8.27 7.77 -8.00
C VAL A 237 -7.75 9.05 -7.30
N PRO A 238 -8.25 10.24 -7.69
CA PRO A 238 -7.80 11.43 -6.94
C PRO A 238 -8.23 11.48 -5.49
N ILE A 239 -7.61 12.40 -4.77
CA ILE A 239 -8.04 12.66 -3.43
C ILE A 239 -8.51 14.10 -3.31
N VAL A 240 -8.34 14.85 -4.39
CA VAL A 240 -9.01 16.15 -4.63
C VAL A 240 -10.13 16.00 -5.67
N LYS A 241 -11.07 16.96 -5.69
CA LYS A 241 -11.87 17.31 -6.90
C LYS A 241 -11.00 17.52 -8.15
N GLY A 242 -11.54 17.18 -9.33
CA GLY A 242 -10.85 17.44 -10.60
C GLY A 242 -10.07 16.20 -11.01
N GLY A 243 -10.55 15.54 -12.06
CA GLY A 243 -9.80 14.45 -12.70
C GLY A 243 -10.67 13.90 -13.82
N GLU A 244 -10.24 12.81 -14.46
CA GLU A 244 -11.12 12.14 -15.44
C GLU A 244 -12.37 11.61 -14.74
N ALA A 245 -13.48 11.55 -15.49
CA ALA A 245 -14.74 11.04 -14.95
C ALA A 245 -14.94 9.54 -15.29
N THR A 246 -13.87 8.86 -15.75
CA THR A 246 -13.91 7.39 -15.99
C THR A 246 -14.31 6.56 -14.73
N ARG A 247 -14.49 5.25 -14.95
CA ARG A 247 -15.31 4.41 -14.08
C ARG A 247 -14.68 3.11 -13.62
N MET A 248 -15.08 2.71 -12.42
CA MET A 248 -14.70 1.43 -11.86
C MET A 248 -15.56 0.35 -12.50
N GLU A 249 -14.91 -0.77 -12.81
CA GLU A 249 -15.55 -1.91 -13.48
C GLU A 249 -15.49 -3.17 -12.62
N GLU A 250 -16.44 -4.07 -12.85
CA GLU A 250 -16.59 -5.37 -12.18
C GLU A 250 -15.32 -6.21 -12.26
N GLY A 251 -14.89 -6.75 -11.12
CA GLY A 251 -13.75 -7.66 -11.08
C GLY A 251 -12.43 -7.00 -10.81
N GLU A 252 -12.40 -5.66 -10.81
CA GLU A 252 -11.16 -4.93 -10.54
C GLU A 252 -10.89 -4.92 -9.06
N VAL A 253 -9.64 -4.54 -8.76
CA VAL A 253 -9.09 -4.46 -7.41
C VAL A 253 -8.47 -3.04 -7.25
N TYR A 254 -8.82 -2.40 -6.16
CA TYR A 254 -8.31 -1.09 -5.88
C TYR A 254 -7.62 -0.96 -4.55
N ALA A 255 -6.53 -0.22 -4.58
CA ALA A 255 -5.94 0.35 -3.39
C ALA A 255 -6.67 1.68 -3.15
N ILE A 256 -7.45 1.76 -2.09
CA ILE A 256 -8.13 3.03 -1.73
C ILE A 256 -7.35 3.65 -0.59
N GLU A 257 -6.62 4.74 -0.90
CA GLU A 257 -5.72 5.41 0.04
C GLU A 257 -6.06 6.88 0.12
N THR A 258 -5.90 7.49 1.30
CA THR A 258 -5.89 8.95 1.35
C THR A 258 -4.65 9.43 2.16
N PHE A 259 -4.13 10.54 1.70
CA PHE A 259 -3.10 11.21 2.44
C PHE A 259 -3.63 12.56 2.87
N GLY A 260 -3.43 12.89 4.13
CA GLY A 260 -3.76 14.19 4.64
C GLY A 260 -2.51 14.94 4.98
N SER A 261 -2.55 16.26 4.77
CA SER A 261 -1.39 17.11 5.02
C SER A 261 -1.70 18.50 5.64
N THR A 262 -0.85 18.93 6.56
CA THR A 262 -0.87 20.30 7.10
C THR A 262 -0.03 21.30 6.29
N GLY A 263 0.51 20.86 5.16
CA GLY A 263 1.40 21.62 4.27
C GLY A 263 0.65 22.06 2.98
N LYS A 264 1.30 21.98 1.84
CA LYS A 264 0.70 22.56 0.68
C LYS A 264 -0.28 21.61 0.12
N GLY A 265 -0.24 20.34 0.52
CA GLY A 265 -1.06 19.32 -0.08
C GLY A 265 -0.57 18.87 -1.47
N VAL A 266 0.74 18.96 -1.69
CA VAL A 266 1.42 18.49 -2.89
C VAL A 266 2.79 17.95 -2.48
N VAL A 267 3.26 16.87 -3.13
CA VAL A 267 4.55 16.25 -2.76
C VAL A 267 5.54 16.46 -3.90
N HIS A 268 6.83 16.53 -3.60
CA HIS A 268 7.91 16.67 -4.58
C HIS A 268 8.97 15.61 -4.23
N ASP A 269 9.78 15.18 -5.20
CA ASP A 269 10.91 14.29 -4.86
C ASP A 269 11.91 14.96 -3.93
N ASP A 270 12.42 14.23 -2.97
CA ASP A 270 13.44 14.74 -2.07
C ASP A 270 14.19 13.55 -1.48
N MET A 271 15.44 13.74 -1.05
CA MET A 271 16.26 12.73 -0.32
C MET A 271 16.75 11.63 -1.27
N GLU A 272 17.54 10.75 -0.75
CA GLU A 272 18.18 9.75 -1.55
C GLU A 272 17.13 8.64 -1.92
N CYS A 273 17.24 8.10 -3.12
CA CYS A 273 16.34 7.05 -3.58
C CYS A 273 16.67 5.70 -2.99
N SER A 274 15.64 4.96 -2.54
CA SER A 274 15.73 3.60 -2.06
C SER A 274 14.91 2.59 -2.91
N HIS A 275 13.85 3.05 -3.50
CA HIS A 275 12.80 2.22 -4.13
C HIS A 275 12.99 2.22 -5.65
N TYR A 276 12.90 1.04 -6.26
CA TYR A 276 13.02 0.89 -7.73
C TYR A 276 12.05 -0.21 -8.20
N MET A 277 11.69 -0.19 -9.48
CA MET A 277 10.85 -1.23 -10.00
C MET A 277 10.95 -1.28 -11.54
N LYS A 278 11.08 -2.45 -12.09
CA LYS A 278 11.12 -2.63 -13.52
C LYS A 278 9.86 -2.02 -14.13
N ASN A 279 10.01 -1.38 -15.28
CA ASN A 279 8.89 -0.82 -16.08
C ASN A 279 8.06 -1.95 -16.65
N PHE A 280 6.81 -2.01 -16.29
CA PHE A 280 6.00 -3.15 -16.61
C PHE A 280 5.91 -3.39 -18.10
N ASP A 281 6.08 -2.33 -18.88
CA ASP A 281 5.88 -2.33 -20.34
C ASP A 281 7.13 -2.42 -21.15
N VAL A 282 8.29 -2.49 -20.52
CA VAL A 282 9.49 -2.77 -21.28
C VAL A 282 9.62 -4.27 -21.48
N GLY A 283 9.87 -4.67 -22.70
CA GLY A 283 10.06 -6.06 -23.00
C GLY A 283 11.50 -6.42 -22.78
N HIS A 284 11.87 -7.59 -23.27
CA HIS A 284 13.24 -8.05 -23.25
C HIS A 284 14.19 -7.13 -24.01
N VAL A 285 15.35 -6.92 -23.37
CA VAL A 285 16.38 -6.02 -23.85
C VAL A 285 17.71 -6.71 -23.59
N PRO A 286 18.41 -7.15 -24.66
CA PRO A 286 19.70 -7.78 -24.48
C PRO A 286 20.74 -6.78 -23.93
N ILE A 287 21.48 -7.19 -22.91
CA ILE A 287 22.52 -6.37 -22.32
C ILE A 287 23.83 -7.16 -22.27
N ARG A 288 24.90 -6.57 -22.78
CA ARG A 288 26.20 -7.19 -22.84
C ARG A 288 27.08 -6.68 -21.70
N LEU A 289 26.93 -5.43 -21.28
CA LEU A 289 27.72 -4.91 -20.15
C LEU A 289 27.57 -5.84 -18.94
N PRO A 290 28.70 -6.34 -18.41
CA PRO A 290 28.49 -7.54 -17.54
C PRO A 290 27.87 -7.26 -16.18
N ARG A 291 28.23 -6.17 -15.53
CA ARG A 291 27.61 -5.90 -14.27
C ARG A 291 26.17 -5.49 -14.37
N THR A 292 25.84 -4.70 -15.40
CA THR A 292 24.45 -4.35 -15.71
C THR A 292 23.59 -5.59 -16.09
N LYS A 293 24.17 -6.50 -16.89
CA LYS A 293 23.49 -7.79 -17.27
C LYS A 293 23.23 -8.60 -16.04
N HIS A 294 24.26 -8.71 -15.17
CA HIS A 294 24.07 -9.48 -13.97
C HIS A 294 23.01 -8.94 -13.08
N LEU A 295 23.04 -7.61 -12.85
CA LEU A 295 22.01 -7.04 -12.03
C LEU A 295 20.60 -7.19 -12.58
N LEU A 296 20.41 -7.01 -13.92
CA LEU A 296 19.08 -7.17 -14.47
C LEU A 296 18.63 -8.66 -14.21
N ASN A 297 19.54 -9.63 -14.44
CA ASN A 297 19.18 -11.05 -14.17
C ASN A 297 18.74 -11.23 -12.73
N VAL A 298 19.44 -10.62 -11.80
CA VAL A 298 19.11 -10.72 -10.36
C VAL A 298 17.72 -10.15 -10.11
N ILE A 299 17.42 -9.03 -10.74
CA ILE A 299 16.09 -8.41 -10.62
C ILE A 299 14.99 -9.29 -11.24
N ASN A 300 15.22 -9.81 -12.45
CA ASN A 300 14.25 -10.69 -13.14
C ASN A 300 13.96 -11.94 -12.30
N GLU A 301 14.99 -12.55 -11.75
CA GLU A 301 14.91 -13.73 -10.89
C GLU A 301 14.16 -13.50 -9.58
N ASN A 302 14.42 -12.38 -8.93
CA ASN A 302 14.04 -12.21 -7.55
C ASN A 302 12.79 -11.33 -7.43
N PHE A 303 12.57 -10.40 -8.33
CA PHE A 303 11.46 -9.44 -8.22
C PHE A 303 10.50 -9.40 -9.38
N GLY A 304 10.93 -9.76 -10.57
CA GLY A 304 10.14 -9.52 -11.78
C GLY A 304 9.69 -8.07 -11.89
N THR A 305 8.36 -7.83 -12.03
CA THR A 305 7.80 -6.51 -11.99
C THR A 305 7.38 -5.91 -10.68
N LEU A 306 7.64 -6.64 -9.60
CA LEU A 306 7.43 -6.15 -8.26
C LEU A 306 8.53 -5.17 -7.89
N ALA A 307 8.22 -4.26 -6.93
CA ALA A 307 9.14 -3.23 -6.47
C ALA A 307 10.17 -3.86 -5.53
N PHE A 308 11.34 -3.21 -5.50
CA PHE A 308 12.39 -3.62 -4.62
C PHE A 308 13.13 -2.41 -4.11
N CYS A 309 14.06 -2.60 -3.19
CA CYS A 309 14.88 -1.51 -2.69
C CYS A 309 16.32 -1.98 -2.58
N ARG A 310 17.21 -1.01 -2.31
CA ARG A 310 18.63 -1.25 -2.20
C ARG A 310 18.93 -2.32 -1.16
N ARG A 311 18.31 -2.22 0.01
CA ARG A 311 18.57 -3.21 1.04
C ARG A 311 18.27 -4.66 0.59
N TRP A 312 17.29 -4.79 -0.28
CA TRP A 312 16.96 -6.12 -0.78
C TRP A 312 17.96 -6.66 -1.83
N LEU A 313 18.70 -5.77 -2.48
CA LEU A 313 19.86 -6.21 -3.25
C LEU A 313 21.01 -6.60 -2.35
N ASP A 314 21.28 -5.77 -1.36
CA ASP A 314 22.35 -6.05 -0.43
C ASP A 314 22.21 -7.46 0.18
N ARG A 315 20.98 -7.82 0.56
CA ARG A 315 20.77 -9.07 1.28
C ARG A 315 20.93 -10.25 0.37
N LEU A 316 20.85 -10.04 -0.93
CA LEU A 316 21.15 -11.09 -1.90
C LEU A 316 22.64 -11.23 -2.24
N GLY A 317 23.45 -10.41 -1.57
CA GLY A 317 24.89 -10.55 -1.72
C GLY A 317 25.39 -9.67 -2.85
N GLU A 318 24.60 -8.76 -3.40
CA GLU A 318 25.13 -7.88 -4.39
C GLU A 318 25.83 -6.67 -3.76
N SER A 319 26.95 -6.24 -4.33
CA SER A 319 27.65 -5.05 -3.82
C SER A 319 28.20 -4.21 -4.98
N LYS A 320 28.48 -2.96 -4.72
CA LYS A 320 29.02 -2.03 -5.74
C LYS A 320 28.22 -2.03 -7.01
N TYR A 321 26.89 -2.01 -6.85
CA TYR A 321 25.98 -2.11 -7.99
C TYR A 321 25.32 -0.80 -8.38
N LEU A 322 25.66 0.32 -7.75
CA LEU A 322 24.93 1.56 -8.00
C LEU A 322 25.05 1.99 -9.45
N MET A 323 26.25 1.82 -10.01
CA MET A 323 26.39 2.26 -11.42
C MET A 323 25.55 1.40 -12.40
N ALA A 324 25.51 0.08 -12.17
CA ALA A 324 24.72 -0.84 -12.97
C ALA A 324 23.21 -0.51 -12.81
N LEU A 325 22.80 -0.18 -11.58
CA LEU A 325 21.39 0.22 -11.29
C LEU A 325 21.00 1.50 -12.02
N LYS A 326 21.94 2.46 -12.00
CA LYS A 326 21.73 3.70 -12.75
C LYS A 326 21.63 3.44 -14.22
N ASN A 327 22.46 2.55 -14.74
CA ASN A 327 22.38 2.18 -16.14
C ASN A 327 20.99 1.66 -16.50
N LEU A 328 20.46 0.75 -15.68
CA LEU A 328 19.14 0.22 -15.96
C LEU A 328 18.09 1.33 -15.93
N CYS A 329 18.22 2.27 -15.03
CA CYS A 329 17.25 3.39 -14.97
C CYS A 329 17.39 4.22 -16.20
N ASP A 330 18.63 4.50 -16.57
CA ASP A 330 18.86 5.35 -17.76
C ASP A 330 18.38 4.70 -19.05
N LEU A 331 18.44 3.39 -19.16
CA LEU A 331 17.91 2.68 -20.32
C LEU A 331 16.40 2.59 -20.30
N GLY A 332 15.75 3.04 -19.23
CA GLY A 332 14.33 2.88 -19.08
C GLY A 332 13.80 1.51 -18.70
N ILE A 333 14.68 0.57 -18.36
CA ILE A 333 14.23 -0.80 -17.97
C ILE A 333 13.70 -0.80 -16.53
N VAL A 334 14.41 -0.09 -15.66
CA VAL A 334 14.00 0.15 -14.26
C VAL A 334 13.69 1.63 -14.03
N ASP A 335 12.69 1.88 -13.21
CA ASP A 335 12.36 3.23 -12.80
C ASP A 335 12.66 3.40 -11.30
N PRO A 336 13.27 4.54 -10.95
CA PRO A 336 13.45 4.97 -9.57
C PRO A 336 12.22 5.64 -9.05
N TYR A 337 11.95 5.49 -7.75
CA TYR A 337 10.82 6.12 -7.00
C TYR A 337 11.33 6.78 -5.72
N PRO A 338 11.87 7.99 -5.84
CA PRO A 338 12.42 8.64 -4.66
C PRO A 338 11.34 9.07 -3.65
N PRO A 339 11.73 9.30 -2.39
CA PRO A 339 10.79 9.78 -1.40
C PRO A 339 10.01 10.99 -1.90
N LEU A 340 8.73 11.00 -1.57
CA LEU A 340 7.83 12.09 -1.93
C LEU A 340 7.39 12.88 -0.69
N CYS A 341 7.74 14.16 -0.65
CA CYS A 341 7.55 14.95 0.54
CA CYS A 341 7.60 15.01 0.51
C CYS A 341 6.82 16.26 0.25
N ASP A 342 5.99 16.67 1.20
CA ASP A 342 5.39 18.01 1.25
C ASP A 342 6.45 18.99 1.83
N ILE A 343 6.05 20.24 2.00
CA ILE A 343 7.01 21.23 2.44
C ILE A 343 7.61 20.98 3.82
N LYS A 344 8.82 21.53 4.06
CA LYS A 344 9.49 21.45 5.38
CA LYS A 344 9.44 21.40 5.36
C LYS A 344 8.54 21.94 6.45
N GLY A 345 8.40 21.20 7.54
CA GLY A 345 7.55 21.66 8.61
C GLY A 345 6.13 21.09 8.60
N SER A 346 5.71 20.46 7.50
CA SER A 346 4.37 19.98 7.40
C SER A 346 4.33 18.52 7.98
N TYR A 347 3.12 18.09 8.26
CA TYR A 347 2.85 16.78 8.75
C TYR A 347 1.89 16.05 7.81
N THR A 348 2.23 14.81 7.50
CA THR A 348 1.40 14.03 6.57
C THR A 348 1.01 12.69 7.23
N ALA A 349 -0.18 12.21 6.93
CA ALA A 349 -0.76 10.96 7.44
C ALA A 349 -1.42 10.19 6.30
N GLN A 350 -1.48 8.85 6.46
CA GLN A 350 -2.03 7.96 5.47
C GLN A 350 -2.79 6.80 6.10
N PHE A 351 -3.89 6.43 5.43
CA PHE A 351 -4.57 5.17 5.66
C PHE A 351 -5.02 4.64 4.32
N GLU A 352 -4.90 3.32 4.22
CA GLU A 352 -5.14 2.61 2.97
C GLU A 352 -5.62 1.15 3.21
N HIS A 353 -6.61 0.78 2.41
CA HIS A 353 -7.01 -0.61 2.23
C HIS A 353 -7.05 -1.04 0.78
N THR A 354 -6.96 -2.34 0.60
CA THR A 354 -7.25 -2.97 -0.69
C THR A 354 -8.69 -3.47 -0.71
N ILE A 355 -9.38 -3.19 -1.83
CA ILE A 355 -10.74 -3.67 -2.00
C ILE A 355 -10.85 -4.48 -3.32
N LEU A 356 -11.74 -5.46 -3.29
CA LEU A 356 -12.10 -6.33 -4.40
C LEU A 356 -13.54 -6.05 -4.82
N LEU A 357 -13.71 -5.74 -6.10
CA LEU A 357 -15.03 -5.47 -6.70
C LEU A 357 -15.55 -6.74 -7.33
N ARG A 358 -15.97 -7.64 -6.44
CA ARG A 358 -16.48 -8.92 -6.82
C ARG A 358 -17.88 -8.75 -7.46
N PRO A 359 -18.26 -9.70 -8.32
CA PRO A 359 -19.61 -9.64 -8.96
C PRO A 359 -20.75 -9.45 -7.94
N THR A 360 -20.59 -10.05 -6.77
CA THR A 360 -21.66 -10.20 -5.80
C THR A 360 -21.60 -9.23 -4.63
N CYS A 361 -20.45 -8.60 -4.40
CA CYS A 361 -20.34 -7.73 -3.25
C CYS A 361 -18.97 -7.01 -3.30
N LYS A 362 -18.82 -5.94 -2.51
CA LYS A 362 -17.52 -5.25 -2.40
C LYS A 362 -16.82 -5.77 -1.14
N GLU A 363 -15.58 -6.26 -1.27
CA GLU A 363 -14.91 -6.86 -0.12
C GLU A 363 -13.68 -5.97 0.19
N VAL A 364 -13.70 -5.41 1.40
CA VAL A 364 -12.49 -4.71 1.97
C VAL A 364 -11.58 -5.78 2.53
N VAL A 365 -10.79 -6.37 1.64
CA VAL A 365 -10.13 -7.60 1.94
C VAL A 365 -9.13 -7.46 3.06
N SER A 366 -8.51 -6.29 3.17
CA SER A 366 -7.49 -5.98 4.18
C SER A 366 -8.02 -5.35 5.48
N ARG A 367 -9.34 -5.20 5.62
CA ARG A 367 -9.93 -4.69 6.90
C ARG A 367 -9.49 -5.56 8.03
N GLY A 368 -9.19 -4.96 9.16
CA GLY A 368 -8.92 -5.66 10.43
C GLY A 368 -9.80 -5.05 11.55
N ASP A 369 -9.60 -5.52 12.77
CA ASP A 369 -10.22 -4.93 13.97
C ASP A 369 -9.53 -3.65 14.32
N ASP A 370 -8.31 -3.49 13.82
CA ASP A 370 -7.52 -2.30 14.02
C ASP A 370 -7.96 -1.11 13.17
N TYR A 371 -8.14 -1.28 11.88
CA TYR A 371 -8.57 -0.21 10.97
C TYR A 371 -9.10 -0.81 9.70
#